data_6MHH
#
_entry.id   6MHH
#
_cell.length_a   64.040
_cell.length_b   64.040
_cell.length_c   299.834
_cell.angle_alpha   90.000
_cell.angle_beta   90.000
_cell.angle_gamma   120.000
#
_symmetry.space_group_name_H-M   'H 3 2'
#
loop_
_entity.id
_entity.type
_entity.pdbx_description
1 polymer 'Metal resistance protein'
2 water water
#
_entity_poly.entity_id   1
_entity_poly.type   'polypeptide(L)'
_entity_poly.pdbx_seq_one_letter_code
;SNAALKAAQEKEVRALVRDTLVSNPEILEEAIMALQTKALASEHDALYNDAASPRIGAKDAKLVLVSFTDYNCPYCKRFD
PLLEKITEQYPDVAVIIKPLPFKGESSAKASQAVLSVWKEDPKAFLALHQRLMQKKTMLDNASIEDAMKSTNTSKIKLTD
DSLKTLQNNLELSRKLGIQGTPATVIGDTILPGAVDYDQLEIIVKEQLAKVKK
;
_entity_poly.pdbx_strand_id   A
#
# COMPACT_ATOMS: atom_id res chain seq x y z
N SER A 1 -24.22 2.67 -46.91
CA SER A 1 -24.07 4.08 -46.44
C SER A 1 -22.68 4.30 -45.85
N ASN A 2 -22.60 5.25 -44.92
CA ASN A 2 -21.36 5.54 -44.21
C ASN A 2 -21.26 4.74 -42.90
N ALA A 3 -22.23 3.84 -42.69
CA ALA A 3 -22.27 3.03 -41.49
C ALA A 3 -22.36 1.54 -41.82
N ALA A 4 -21.50 0.74 -41.19
CA ALA A 4 -21.49 -0.70 -41.40
C ALA A 4 -22.72 -1.33 -40.73
N LEU A 5 -23.19 -0.72 -39.65
CA LEU A 5 -24.39 -1.16 -38.98
C LEU A 5 -25.61 -0.43 -39.53
N LYS A 6 -26.73 -1.14 -39.62
CA LYS A 6 -28.00 -0.48 -39.89
C LYS A 6 -28.36 0.33 -38.64
N ALA A 7 -29.19 1.35 -38.81
CA ALA A 7 -29.61 2.17 -37.68
C ALA A 7 -30.31 1.29 -36.63
N ALA A 8 -31.15 0.37 -37.09
CA ALA A 8 -31.84 -0.54 -36.18
C ALA A 8 -30.84 -1.41 -35.42
N GLN A 9 -29.76 -1.80 -36.10
CA GLN A 9 -28.72 -2.59 -35.45
C GLN A 9 -27.98 -1.76 -34.42
N GLU A 10 -27.71 -0.51 -34.76
CA GLU A 10 -27.06 0.41 -33.82
C GLU A 10 -27.89 0.53 -32.54
N LYS A 11 -29.20 0.69 -32.70
CA LYS A 11 -30.09 0.80 -31.55
C LYS A 11 -30.01 -0.45 -30.67
N GLU A 12 -29.98 -1.62 -31.30
CA GLU A 12 -29.92 -2.87 -30.54
C GLU A 12 -28.58 -3.02 -29.84
N VAL A 13 -27.51 -2.55 -30.48
CA VAL A 13 -26.18 -2.61 -29.87
C VAL A 13 -26.17 -1.75 -28.59
N ARG A 14 -26.68 -0.53 -28.67
CA ARG A 14 -26.75 0.34 -27.51
C ARG A 14 -27.55 -0.31 -26.37
N ALA A 15 -28.65 -0.96 -26.72
CA ALA A 15 -29.46 -1.66 -25.71
C ALA A 15 -28.68 -2.83 -25.13
N LEU A 16 -27.85 -3.47 -25.96
CA LEU A 16 -27.08 -4.62 -25.53
C LEU A 16 -25.91 -4.23 -24.63
N VAL A 17 -25.41 -3.01 -24.80
CA VAL A 17 -24.39 -2.51 -23.88
C VAL A 17 -24.97 -2.46 -22.48
N ARG A 18 -26.17 -1.91 -22.35
CA ARG A 18 -26.84 -1.83 -21.06
C ARG A 18 -27.19 -3.21 -20.53
N ASP A 19 -27.86 -4.01 -21.35
CA ASP A 19 -28.34 -5.32 -20.90
C ASP A 19 -27.19 -6.23 -20.49
N THR A 20 -26.09 -6.17 -21.24
CA THR A 20 -24.93 -7.01 -20.96
C THR A 20 -24.31 -6.65 -19.61
N LEU A 21 -24.17 -5.35 -19.34
CA LEU A 21 -23.54 -4.90 -18.11
C LEU A 21 -24.45 -5.08 -16.90
N VAL A 22 -25.76 -4.96 -17.10
CA VAL A 22 -26.71 -5.10 -16.00
C VAL A 22 -26.93 -6.57 -15.67
N SER A 23 -26.93 -7.44 -16.68
CA SER A 23 -27.14 -8.87 -16.48
CA SER A 23 -27.15 -8.87 -16.46
C SER A 23 -25.86 -9.58 -16.07
N ASN A 24 -24.72 -9.01 -16.49
CA ASN A 24 -23.41 -9.58 -16.18
CA ASN A 24 -23.42 -9.59 -16.17
C ASN A 24 -22.46 -8.50 -15.67
N PRO A 25 -22.79 -7.90 -14.52
CA PRO A 25 -22.01 -6.78 -13.97
C PRO A 25 -20.61 -7.18 -13.51
N GLU A 26 -20.31 -8.47 -13.53
CA GLU A 26 -18.97 -8.95 -13.20
C GLU A 26 -17.97 -8.43 -14.23
N ILE A 27 -18.48 -8.06 -15.41
CA ILE A 27 -17.65 -7.48 -16.46
C ILE A 27 -16.99 -6.19 -15.97
N LEU A 28 -17.73 -5.41 -15.19
CA LEU A 28 -17.21 -4.16 -14.62
C LEU A 28 -16.06 -4.45 -13.66
N GLU A 29 -16.22 -5.51 -12.87
CA GLU A 29 -15.17 -5.90 -11.94
C GLU A 29 -13.91 -6.28 -12.70
N GLU A 30 -14.08 -7.08 -13.76
CA GLU A 30 -12.95 -7.50 -14.58
C GLU A 30 -12.27 -6.31 -15.24
N ALA A 31 -13.07 -5.31 -15.63
CA ALA A 31 -12.54 -4.12 -16.28
C ALA A 31 -11.76 -3.26 -15.30
N ILE A 32 -12.24 -3.21 -14.05
CA ILE A 32 -11.55 -2.46 -13.01
C ILE A 32 -10.21 -3.11 -12.68
N MET A 33 -10.21 -4.44 -12.60
CA MET A 33 -8.98 -5.19 -12.37
C MET A 33 -7.97 -4.94 -13.49
N ALA A 34 -8.48 -4.84 -14.71
CA ALA A 34 -7.62 -4.55 -15.86
C ALA A 34 -7.04 -3.15 -15.75
N LEU A 35 -7.87 -2.22 -15.29
CA LEU A 35 -7.43 -0.84 -15.08
C LEU A 35 -6.39 -0.78 -13.96
N GLN A 36 -6.57 -1.61 -12.94
CA GLN A 36 -5.60 -1.70 -11.85
C GLN A 36 -4.27 -2.26 -12.34
N THR A 37 -4.34 -3.27 -13.20
CA THR A 37 -3.12 -3.90 -13.73
C THR A 37 -2.31 -2.89 -14.55
N LYS A 38 -3.01 -2.08 -15.34
CA LYS A 38 -2.36 -1.04 -16.12
C LYS A 38 -1.77 0.03 -15.23
N ALA A 39 -2.46 0.33 -14.12
CA ALA A 39 -1.98 1.34 -13.18
C ALA A 39 -0.72 0.87 -12.48
N LEU A 40 -0.68 -0.41 -12.12
CA LEU A 40 0.49 -1.00 -11.50
C LEU A 40 1.70 -0.89 -12.43
N ALA A 41 1.46 -1.10 -13.72
CA ALA A 41 2.53 -1.03 -14.71
C ALA A 41 3.02 0.40 -14.91
N SER A 42 2.08 1.34 -15.01
CA SER A 42 2.43 2.74 -15.27
CA SER A 42 2.41 2.75 -15.26
C SER A 42 3.08 3.40 -14.04
N GLU A 43 2.72 2.94 -12.85
CA GLU A 43 3.26 3.53 -11.61
C GLU A 43 4.34 2.64 -10.98
N HIS A 44 4.91 1.76 -11.80
CA HIS A 44 5.87 0.76 -11.32
C HIS A 44 7.06 1.37 -10.57
N ASP A 45 7.65 2.44 -11.11
CA ASP A 45 8.84 3.01 -10.50
C ASP A 45 8.51 3.76 -9.20
N ALA A 46 7.34 4.38 -9.13
CA ALA A 46 6.88 5.00 -7.89
C ALA A 46 6.69 3.96 -6.80
N LEU A 47 6.25 2.77 -7.22
CA LEU A 47 6.01 1.67 -6.29
C LEU A 47 7.29 1.08 -5.73
N TYR A 48 8.22 0.73 -6.63
CA TYR A 48 9.36 -0.12 -6.28
C TYR A 48 10.70 0.60 -6.23
N ASN A 49 10.79 1.77 -6.87
CA ASN A 49 12.08 2.43 -7.07
C ASN A 49 12.12 3.84 -6.51
N ASP A 50 11.33 4.09 -5.47
CA ASP A 50 11.37 5.36 -4.75
C ASP A 50 12.30 5.22 -3.55
N ALA A 51 13.47 5.87 -3.63
CA ALA A 51 14.48 5.78 -2.59
C ALA A 51 13.98 6.32 -1.26
N ALA A 52 12.98 7.19 -1.31
CA ALA A 52 12.45 7.83 -0.11
C ALA A 52 11.46 6.92 0.63
N SER A 53 11.10 5.80 0.01
CA SER A 53 10.15 4.87 0.61
C SER A 53 10.88 3.78 1.41
N PRO A 54 10.59 3.66 2.72
CA PRO A 54 11.27 2.65 3.55
C PRO A 54 11.08 1.22 3.04
N ARG A 55 12.13 0.41 3.24
CA ARG A 55 12.12 -1.00 2.84
C ARG A 55 12.46 -1.89 4.04
N ILE A 56 11.67 -2.95 4.21
CA ILE A 56 11.95 -3.97 5.20
C ILE A 56 12.40 -5.24 4.48
N GLY A 57 13.62 -5.67 4.76
CA GLY A 57 14.18 -6.87 4.14
C GLY A 57 15.33 -6.54 3.20
N ALA A 58 15.75 -7.55 2.45
CA ALA A 58 16.93 -7.42 1.60
C ALA A 58 16.72 -6.48 0.42
N LYS A 59 17.69 -5.63 0.16
CA LYS A 59 17.67 -4.74 -0.99
C LYS A 59 17.72 -5.53 -2.29
N ASP A 60 18.29 -6.73 -2.21
CA ASP A 60 18.46 -7.60 -3.37
C ASP A 60 17.33 -8.61 -3.49
N ALA A 61 16.24 -8.37 -2.77
CA ALA A 61 15.09 -9.28 -2.77
C ALA A 61 14.54 -9.47 -4.19
N LYS A 62 14.15 -10.69 -4.50
CA LYS A 62 13.64 -11.01 -5.83
C LYS A 62 12.14 -10.75 -5.94
N LEU A 63 11.46 -10.79 -4.79
CA LEU A 63 10.07 -10.35 -4.72
C LEU A 63 9.93 -9.22 -3.71
N VAL A 64 9.25 -8.16 -4.12
CA VAL A 64 9.02 -7.01 -3.26
C VAL A 64 7.52 -6.73 -3.14
N LEU A 65 7.01 -6.84 -1.93
CA LEU A 65 5.63 -6.45 -1.65
C LEU A 65 5.60 -4.96 -1.32
N VAL A 66 4.52 -4.29 -1.72
CA VAL A 66 4.35 -2.88 -1.37
C VAL A 66 3.17 -2.73 -0.43
N SER A 67 3.47 -2.34 0.81
CA SER A 67 2.46 -2.21 1.85
C SER A 67 1.96 -0.78 1.97
N PHE A 68 0.75 -0.53 1.47
CA PHE A 68 0.06 0.72 1.73
C PHE A 68 -0.64 0.59 3.07
N THR A 69 -0.27 1.44 4.02
CA THR A 69 -0.68 1.24 5.39
C THR A 69 -0.81 2.55 6.15
N ASP A 70 -1.40 2.48 7.34
CA ASP A 70 -1.70 3.64 8.15
C ASP A 70 -1.49 3.27 9.61
N TYR A 71 -0.71 4.09 10.33
CA TYR A 71 -0.35 3.76 11.71
C TYR A 71 -1.52 3.85 12.67
N ASN A 72 -2.62 4.48 12.24
CA ASN A 72 -3.84 4.55 13.05
C ASN A 72 -4.91 3.56 12.57
N CYS A 73 -4.52 2.67 11.66
CA CYS A 73 -5.45 1.67 11.12
CA CYS A 73 -5.46 1.67 11.13
C CYS A 73 -5.32 0.37 11.91
N PRO A 74 -6.40 -0.06 12.59
CA PRO A 74 -6.27 -1.22 13.49
C PRO A 74 -5.80 -2.51 12.84
N TYR A 75 -6.32 -2.87 11.66
CA TYR A 75 -5.94 -4.12 11.04
C TYR A 75 -4.60 -3.99 10.31
N CYS A 76 -4.15 -2.76 10.12
CA CYS A 76 -2.79 -2.51 9.66
CA CYS A 76 -2.78 -2.52 9.66
C CYS A 76 -1.79 -2.90 10.74
N LYS A 77 -2.09 -2.49 11.97
CA LYS A 77 -1.25 -2.81 13.12
C LYS A 77 -1.10 -4.30 13.30
N ARG A 78 -2.18 -5.04 13.07
CA ARG A 78 -2.20 -6.48 13.28
C ARG A 78 -1.62 -7.24 12.07
N PHE A 79 -1.67 -6.62 10.90
CA PHE A 79 -1.19 -7.27 9.67
C PHE A 79 0.31 -7.05 9.47
N ASP A 80 0.83 -5.92 9.94
CA ASP A 80 2.22 -5.57 9.68
C ASP A 80 3.21 -6.60 10.22
N PRO A 81 2.99 -7.13 11.44
CA PRO A 81 3.89 -8.18 11.92
C PRO A 81 3.93 -9.40 11.00
N LEU A 82 2.82 -9.67 10.32
CA LEU A 82 2.75 -10.81 9.41
C LEU A 82 3.60 -10.53 8.17
N LEU A 83 3.54 -9.29 7.67
CA LEU A 83 4.36 -8.90 6.54
C LEU A 83 5.84 -9.00 6.88
N GLU A 84 6.20 -8.57 8.09
CA GLU A 84 7.59 -8.60 8.51
C GLU A 84 8.07 -10.03 8.72
N LYS A 85 7.17 -10.90 9.17
CA LYS A 85 7.50 -12.30 9.39
C LYS A 85 7.80 -13.02 8.07
N ILE A 86 7.13 -12.59 7.00
CA ILE A 86 7.40 -13.14 5.68
C ILE A 86 8.85 -12.88 5.29
N THR A 87 9.33 -11.67 5.57
CA THR A 87 10.70 -11.31 5.22
C THR A 87 11.70 -12.10 6.06
N GLU A 88 11.27 -12.57 7.22
CA GLU A 88 12.13 -13.37 8.09
C GLU A 88 12.19 -14.83 7.64
N GLN A 89 11.04 -15.34 7.19
CA GLN A 89 10.94 -16.73 6.77
C GLN A 89 11.31 -16.92 5.30
N TYR A 90 11.25 -15.83 4.54
CA TYR A 90 11.56 -15.85 3.11
C TYR A 90 12.47 -14.68 2.77
N PRO A 91 13.79 -14.85 3.03
CA PRO A 91 14.80 -13.80 2.84
C PRO A 91 14.80 -13.19 1.43
N ASP A 92 14.25 -13.91 0.45
CA ASP A 92 14.16 -13.40 -0.91
C ASP A 92 12.98 -12.45 -1.08
N VAL A 93 12.26 -12.19 0.01
CA VAL A 93 11.12 -11.29 -0.01
C VAL A 93 11.39 -10.04 0.83
N ALA A 94 11.16 -8.88 0.22
CA ALA A 94 11.24 -7.60 0.92
C ALA A 94 9.88 -6.90 0.90
N VAL A 95 9.70 -5.94 1.80
CA VAL A 95 8.47 -5.17 1.87
C VAL A 95 8.77 -3.68 1.87
N ILE A 96 8.18 -2.96 0.91
CA ILE A 96 8.28 -1.51 0.86
C ILE A 96 7.07 -0.92 1.59
N ILE A 97 7.34 0.03 2.48
CA ILE A 97 6.28 0.65 3.28
C ILE A 97 5.85 1.98 2.67
N LYS A 98 4.55 2.10 2.43
CA LYS A 98 3.95 3.33 1.91
C LYS A 98 2.96 3.88 2.94
N PRO A 99 3.45 4.68 3.91
CA PRO A 99 2.52 5.26 4.89
C PRO A 99 1.50 6.17 4.23
N LEU A 100 0.27 6.16 4.75
CA LEU A 100 -0.81 7.00 4.24
C LEU A 100 -1.46 7.78 5.38
N PRO A 101 -1.94 9.01 5.09
CA PRO A 101 -2.55 9.84 6.13
C PRO A 101 -4.07 9.71 6.23
N PHE A 102 -4.60 8.53 5.93
CA PHE A 102 -6.05 8.35 5.82
C PHE A 102 -6.83 8.70 7.09
N LYS A 103 -6.34 8.30 8.26
CA LYS A 103 -7.13 8.46 9.48
C LYS A 103 -6.92 9.81 10.17
N GLY A 104 -6.23 10.73 9.50
CA GLY A 104 -6.17 12.11 9.94
C GLY A 104 -4.80 12.68 10.27
N GLU A 105 -4.81 13.71 11.11
CA GLU A 105 -3.62 14.51 11.41
C GLU A 105 -2.47 13.69 12.01
N SER A 106 -2.79 12.83 12.97
CA SER A 106 -1.76 12.07 13.66
C SER A 106 -1.14 11.03 12.73
N SER A 107 -1.95 10.51 11.81
CA SER A 107 -1.43 9.59 10.81
C SER A 107 -0.36 10.28 9.95
N ALA A 108 -0.64 11.51 9.54
CA ALA A 108 0.30 12.28 8.73
C ALA A 108 1.56 12.56 9.53
N LYS A 109 1.38 12.95 10.79
CA LYS A 109 2.49 13.24 11.68
C LYS A 109 3.37 12.00 11.87
N ALA A 110 2.73 10.87 12.14
CA ALA A 110 3.43 9.60 12.32
C ALA A 110 4.21 9.22 11.06
N SER A 111 3.57 9.37 9.90
CA SER A 111 4.20 9.06 8.62
C SER A 111 5.39 9.98 8.38
N GLN A 112 5.20 11.26 8.69
CA GLN A 112 6.26 12.24 8.57
C GLN A 112 7.46 11.82 9.40
N ALA A 113 7.19 11.30 10.59
CA ALA A 113 8.25 10.85 11.49
C ALA A 113 9.07 9.71 10.88
N VAL A 114 8.40 8.64 10.44
CA VAL A 114 9.11 7.48 9.94
C VAL A 114 9.84 7.80 8.64
N LEU A 115 9.24 8.63 7.80
CA LEU A 115 9.85 9.00 6.52
C LEU A 115 11.06 9.90 6.72
N SER A 116 10.99 10.77 7.72
CA SER A 116 12.12 11.62 8.04
C SER A 116 13.28 10.80 8.61
N VAL A 117 12.96 9.83 9.46
CA VAL A 117 13.98 8.94 10.01
C VAL A 117 14.63 8.12 8.89
N TRP A 118 13.81 7.60 7.99
CA TRP A 118 14.33 6.77 6.89
C TRP A 118 15.39 7.53 6.09
N LYS A 119 15.10 8.79 5.77
CA LYS A 119 16.02 9.59 4.96
C LYS A 119 17.31 9.92 5.71
N GLU A 120 17.19 10.27 6.98
CA GLU A 120 18.36 10.65 7.76
C GLU A 120 19.16 9.43 8.22
N ASP A 121 18.46 8.35 8.57
CA ASP A 121 19.12 7.16 9.09
C ASP A 121 18.25 5.92 8.85
N PRO A 122 18.36 5.33 7.63
CA PRO A 122 17.52 4.21 7.20
C PRO A 122 17.47 3.04 8.18
N LYS A 123 18.61 2.72 8.78
CA LYS A 123 18.70 1.61 9.71
C LYS A 123 17.87 1.84 10.98
N ALA A 124 17.56 3.11 11.24
CA ALA A 124 16.83 3.48 12.46
C ALA A 124 15.31 3.46 12.25
N PHE A 125 14.88 3.28 11.01
CA PHE A 125 13.47 3.36 10.66
C PHE A 125 12.62 2.26 11.29
N LEU A 126 13.10 1.02 11.22
CA LEU A 126 12.27 -0.14 11.56
C LEU A 126 11.75 -0.09 12.99
N ALA A 127 12.61 0.32 13.92
CA ALA A 127 12.23 0.39 15.32
C ALA A 127 11.04 1.33 15.52
N LEU A 128 11.09 2.50 14.88
CA LEU A 128 10.01 3.48 15.02
C LEU A 128 8.73 3.00 14.32
N HIS A 129 8.88 2.46 13.11
CA HIS A 129 7.77 1.86 12.38
C HIS A 129 7.02 0.86 13.26
N GLN A 130 7.76 -0.03 13.90
CA GLN A 130 7.18 -1.07 14.74
C GLN A 130 6.53 -0.48 15.99
N ARG A 131 7.20 0.47 16.62
CA ARG A 131 6.70 1.09 17.86
C ARG A 131 5.37 1.80 17.59
N LEU A 132 5.25 2.46 16.44
CA LEU A 132 4.02 3.16 16.10
C LEU A 132 2.89 2.18 15.80
N MET A 133 3.22 1.05 15.19
CA MET A 133 2.22 0.03 14.86
C MET A 133 1.69 -0.67 16.11
N GLN A 134 2.58 -0.95 17.07
CA GLN A 134 2.19 -1.70 18.26
CA GLN A 134 2.19 -1.69 18.26
C GLN A 134 1.47 -0.82 19.28
N LYS A 135 1.50 0.50 19.06
CA LYS A 135 0.81 1.43 19.95
C LYS A 135 -0.70 1.16 19.95
N LYS A 136 -1.27 0.99 21.14
CA LYS A 136 -2.66 0.58 21.30
C LYS A 136 -3.64 1.74 21.35
N THR A 137 -3.14 2.96 21.17
CA THR A 137 -3.96 4.16 21.23
C THR A 137 -3.92 4.92 19.90
N MET A 138 -4.96 5.68 19.62
CA MET A 138 -4.91 6.63 18.52
C MET A 138 -3.77 7.60 18.80
N LEU A 139 -2.88 7.75 17.82
CA LEU A 139 -1.68 8.57 18.00
CA LEU A 139 -1.68 8.57 18.00
C LEU A 139 -2.01 10.04 18.16
N ASP A 140 -1.15 10.76 18.88
CA ASP A 140 -1.22 12.21 18.99
C ASP A 140 0.21 12.71 19.07
N ASN A 141 0.39 14.03 19.07
CA ASN A 141 1.72 14.63 19.10
C ASN A 141 2.58 14.09 20.24
N ALA A 142 1.97 13.95 21.41
CA ALA A 142 2.69 13.47 22.59
C ALA A 142 3.12 12.01 22.44
N SER A 143 2.22 11.17 21.96
CA SER A 143 2.48 9.74 21.83
C SER A 143 3.50 9.47 20.72
N ILE A 144 3.45 10.28 19.67
CA ILE A 144 4.42 10.14 18.58
C ILE A 144 5.81 10.54 19.08
N GLU A 145 5.85 11.60 19.87
CA GLU A 145 7.11 12.06 20.45
C GLU A 145 7.68 11.00 21.38
N ASP A 146 6.80 10.35 22.15
CA ASP A 146 7.22 9.26 23.03
C ASP A 146 7.78 8.09 22.23
N ALA A 147 7.14 7.78 21.10
CA ALA A 147 7.58 6.69 20.24
C ALA A 147 9.00 6.95 19.73
N MET A 148 9.27 8.21 19.36
CA MET A 148 10.58 8.57 18.86
C MET A 148 11.62 8.54 19.98
N LYS A 149 11.25 9.03 21.16
CA LYS A 149 12.12 8.95 22.33
C LYS A 149 12.41 7.51 22.70
N SER A 150 11.40 6.65 22.59
CA SER A 150 11.51 5.26 23.01
CA SER A 150 11.51 5.26 23.01
C SER A 150 12.30 4.42 22.01
N THR A 151 12.54 4.98 20.82
CA THR A 151 13.29 4.26 19.78
C THR A 151 14.58 4.99 19.43
N ASN A 152 14.97 5.93 20.29
CA ASN A 152 16.19 6.72 20.10
C ASN A 152 16.23 7.42 18.75
N THR A 153 15.09 7.94 18.32
CA THR A 153 15.01 8.71 17.08
C THR A 153 14.53 10.15 17.32
N SER A 154 14.42 10.56 18.58
CA SER A 154 13.88 11.88 18.89
CA SER A 154 13.89 11.87 18.90
C SER A 154 14.83 13.02 18.51
N LYS A 155 16.05 12.68 18.13
CA LYS A 155 16.99 13.70 17.66
C LYS A 155 16.71 14.10 16.21
N ILE A 156 15.92 13.28 15.52
CA ILE A 156 15.68 13.47 14.09
C ILE A 156 14.48 14.36 13.83
N LYS A 157 14.70 15.45 13.10
CA LYS A 157 13.66 16.41 12.79
C LYS A 157 12.66 15.91 11.75
N LEU A 158 11.39 16.19 11.98
CA LEU A 158 10.36 15.97 10.95
C LEU A 158 10.50 17.06 9.90
N THR A 159 10.68 16.65 8.65
CA THR A 159 10.94 17.57 7.55
C THR A 159 9.69 17.85 6.74
N ASP A 160 9.68 18.99 6.07
CA ASP A 160 8.61 19.32 5.14
C ASP A 160 8.78 18.48 3.87
N ASP A 161 10.01 18.04 3.61
CA ASP A 161 10.28 17.19 2.46
CA ASP A 161 10.28 17.19 2.46
C ASP A 161 9.62 15.83 2.60
N SER A 162 9.55 15.33 3.83
CA SER A 162 8.92 14.03 4.07
C SER A 162 7.42 14.11 3.82
N LEU A 163 6.86 15.31 3.96
CA LEU A 163 5.44 15.51 3.68
C LEU A 163 5.16 15.42 2.18
N LYS A 164 6.19 15.66 1.36
CA LYS A 164 6.04 15.53 -0.08
C LYS A 164 6.04 14.04 -0.46
N THR A 165 6.90 13.27 0.20
CA THR A 165 6.91 11.83 0.00
C THR A 165 5.55 11.26 0.40
N LEU A 166 5.03 11.75 1.52
CA LEU A 166 3.73 11.29 2.00
C LEU A 166 2.63 11.66 0.98
N GLN A 167 2.74 12.84 0.39
CA GLN A 167 1.76 13.26 -0.62
C GLN A 167 1.88 12.38 -1.86
N ASN A 168 3.10 12.01 -2.23
CA ASN A 168 3.31 11.09 -3.34
C ASN A 168 2.63 9.75 -3.10
N ASN A 169 2.79 9.22 -1.88
CA ASN A 169 2.13 7.97 -1.50
C ASN A 169 0.63 8.08 -1.67
N LEU A 170 0.07 9.20 -1.22
CA LEU A 170 -1.35 9.46 -1.32
C LEU A 170 -1.80 9.47 -2.78
N GLU A 171 -1.10 10.25 -3.61
CA GLU A 171 -1.40 10.32 -5.03
C GLU A 171 -1.28 8.95 -5.68
N LEU A 172 -0.25 8.19 -5.28
CA LEU A 172 -0.04 6.85 -5.81
C LEU A 172 -1.21 5.94 -5.47
N SER A 173 -1.65 5.99 -4.21
CA SER A 173 -2.76 5.14 -3.77
C SER A 173 -4.02 5.44 -4.57
N ARG A 174 -4.24 6.71 -4.91
CA ARG A 174 -5.40 7.10 -5.71
C ARG A 174 -5.30 6.54 -7.12
N LYS A 175 -4.14 6.69 -7.74
CA LYS A 175 -3.93 6.21 -9.10
C LYS A 175 -4.13 4.70 -9.20
N LEU A 176 -3.88 4.00 -8.09
CA LEU A 176 -4.06 2.55 -8.04
C LEU A 176 -5.47 2.16 -7.60
N GLY A 177 -6.29 3.16 -7.30
CA GLY A 177 -7.67 2.91 -6.90
C GLY A 177 -7.79 2.32 -5.51
N ILE A 178 -6.80 2.57 -4.67
CA ILE A 178 -6.81 2.11 -3.29
C ILE A 178 -7.54 3.13 -2.41
N GLN A 179 -8.62 2.69 -1.76
CA GLN A 179 -9.40 3.55 -0.88
C GLN A 179 -9.56 2.94 0.51
N GLY A 180 -8.66 2.02 0.85
CA GLY A 180 -8.67 1.41 2.16
C GLY A 180 -7.33 0.80 2.50
N THR A 181 -7.03 0.70 3.80
CA THR A 181 -5.80 0.09 4.28
C THR A 181 -6.13 -1.07 5.22
N PRO A 182 -5.24 -2.07 5.33
CA PRO A 182 -3.99 -2.20 4.57
C PRO A 182 -4.23 -2.71 3.15
N ALA A 183 -3.52 -2.13 2.19
CA ALA A 183 -3.53 -2.63 0.81
C ALA A 183 -2.12 -3.05 0.45
N THR A 184 -1.99 -4.26 -0.08
CA THR A 184 -0.68 -4.85 -0.34
C THR A 184 -0.53 -5.26 -1.80
N VAL A 185 0.42 -4.66 -2.49
CA VAL A 185 0.74 -5.05 -3.85
C VAL A 185 1.65 -6.27 -3.81
N ILE A 186 1.19 -7.35 -4.41
CA ILE A 186 1.96 -8.58 -4.49
C ILE A 186 2.00 -9.05 -5.94
N GLY A 187 3.12 -8.79 -6.61
CA GLY A 187 3.24 -9.08 -8.02
C GLY A 187 2.26 -8.26 -8.84
N ASP A 188 1.32 -8.94 -9.48
CA ASP A 188 0.32 -8.29 -10.32
C ASP A 188 -1.01 -8.11 -9.59
N THR A 189 -1.04 -8.50 -8.31
CA THR A 189 -2.26 -8.44 -7.51
C THR A 189 -2.16 -7.33 -6.46
N ILE A 190 -3.30 -6.70 -6.16
CA ILE A 190 -3.42 -5.81 -5.02
C ILE A 190 -4.31 -6.48 -3.99
N LEU A 191 -3.71 -6.92 -2.89
CA LEU A 191 -4.44 -7.57 -1.82
C LEU A 191 -5.19 -6.54 -0.99
N PRO A 192 -6.54 -6.62 -0.98
CA PRO A 192 -7.27 -5.69 -0.11
C PRO A 192 -7.42 -6.24 1.30
N GLY A 193 -7.11 -5.42 2.30
CA GLY A 193 -7.30 -5.79 3.68
C GLY A 193 -6.30 -6.82 4.19
N ALA A 194 -6.31 -7.01 5.50
CA ALA A 194 -5.44 -8.00 6.14
C ALA A 194 -5.89 -9.42 5.84
N VAL A 195 -4.94 -10.34 5.82
CA VAL A 195 -5.21 -11.76 5.71
C VAL A 195 -4.33 -12.50 6.71
N ASP A 196 -4.77 -13.68 7.14
CA ASP A 196 -3.98 -14.46 8.08
CA ASP A 196 -3.99 -14.49 8.07
C ASP A 196 -2.67 -14.90 7.43
N TYR A 197 -1.69 -15.25 8.26
CA TYR A 197 -0.35 -15.54 7.78
C TYR A 197 -0.29 -16.67 6.75
N ASP A 198 -1.07 -17.73 6.95
CA ASP A 198 -1.01 -18.88 6.05
C ASP A 198 -1.48 -18.51 4.64
N GLN A 199 -2.51 -17.67 4.55
CA GLN A 199 -2.99 -17.22 3.25
C GLN A 199 -1.97 -16.31 2.58
N LEU A 200 -1.41 -15.39 3.35
CA LEU A 200 -0.35 -14.53 2.86
C LEU A 200 0.82 -15.36 2.38
N GLU A 201 1.17 -16.37 3.18
CA GLU A 201 2.28 -17.27 2.87
C GLU A 201 2.04 -18.00 1.55
N ILE A 202 0.80 -18.39 1.30
CA ILE A 202 0.45 -19.07 0.05
C ILE A 202 0.59 -18.12 -1.14
N ILE A 203 0.05 -16.91 -0.99
CA ILE A 203 0.05 -15.93 -2.07
C ILE A 203 1.47 -15.54 -2.47
N VAL A 204 2.35 -15.32 -1.49
CA VAL A 204 3.72 -14.93 -1.80
C VAL A 204 4.46 -16.08 -2.48
N LYS A 205 4.16 -17.31 -2.08
CA LYS A 205 4.77 -18.48 -2.70
C LYS A 205 4.35 -18.61 -4.16
N GLU A 206 3.06 -18.37 -4.43
CA GLU A 206 2.55 -18.40 -5.79
C GLU A 206 3.28 -17.39 -6.66
N GLN A 207 3.68 -16.27 -6.06
CA GLN A 207 4.39 -15.22 -6.77
C GLN A 207 5.89 -15.51 -6.81
N LEU A 208 6.39 -16.22 -5.80
CA LEU A 208 7.79 -16.64 -5.77
C LEU A 208 8.06 -17.67 -6.86
N ALA A 209 7.04 -18.45 -7.18
CA ALA A 209 7.15 -19.49 -8.21
C ALA A 209 7.15 -18.89 -9.62
N LYS A 210 6.94 -17.58 -9.70
CA LYS A 210 6.88 -16.88 -10.98
C LYS A 210 8.15 -16.08 -11.25
N VAL A 211 9.22 -16.41 -10.52
CA VAL A 211 10.50 -15.73 -10.68
C VAL A 211 11.61 -16.75 -10.94
#